data_7THE
#
_entry.id   7THE
#
_cell.length_a   1.00
_cell.length_b   1.00
_cell.length_c   1.00
_cell.angle_alpha   90.00
_cell.angle_beta   90.00
_cell.angle_gamma   90.00
#
_symmetry.space_group_name_H-M   'P 1'
#
loop_
_entity.id
_entity.type
_entity.pdbx_description
1 polymer 'Spike protein S1'
2 polymer 'DH1042 Fab Heavy Chain'
3 polymer 'DH1042 Fab Light Chain'
4 non-polymer 2-acetamido-2-deoxy-beta-D-glucopyranose
#
loop_
_entity_poly.entity_id
_entity_poly.type
_entity_poly.pdbx_seq_one_letter_code
_entity_poly.pdbx_strand_id
1 'polypeptide(L)'
;TNLCPFGEVFNATRFASVYAWNRKRISNCVADYSVLYNSASFSTFKCYGVSPTKLNDLCFTNVYADSFVIRGDEVRQIAP
GQTGKIADYNYKLPDDFTGCVIAWNSNNLDSKVGGNYNYLYRLFRKSNLKPFERDISTEIYQAGSTPCNGVEGFNCYFPL
QSYGFQPTNGVGYQPYRVVVLSFELLHAPATVCGP
;
A
2 'polypeptide(L)'
;QVQLVQSGAEVKKPGSSVKVSCKASGGTFSSYAISWVRQAPGQGLEWMGRIIPMFGIANYAQKFQGRVTITADKSTSTAY
LELSSLRSEDTAVYYCARYMVTRDQYYYDMDVWGQGTTVTVS
;
B
3 'polypeptide(L)'
;DIQMTQSPSSLSASVGDRVTITCRASQSISNYLNWYQQKPGKAPKLLIYAASSLQSGVPSRFSGSGSGTDFTLTISSLQP
EDFATYYCQQSYSPPPTFGQGTKLEI
;
C
#
# COMPACT_ATOMS: atom_id res chain seq x y z
N THR A 1 42.25 6.02 -15.46
CA THR A 1 42.49 4.56 -15.50
C THR A 1 41.17 3.76 -15.60
N ASN A 2 40.32 3.75 -14.55
CA ASN A 2 39.08 2.96 -14.47
C ASN A 2 37.93 3.45 -15.38
N LEU A 3 36.97 2.59 -15.69
CA LEU A 3 35.78 2.86 -16.50
C LEU A 3 34.53 3.03 -15.62
N CYS A 4 33.72 4.07 -15.87
CA CYS A 4 32.62 4.44 -14.97
C CYS A 4 31.47 3.41 -14.88
N PRO A 5 30.73 3.38 -13.76
CA PRO A 5 29.64 2.43 -13.50
C PRO A 5 28.34 2.69 -14.28
N PHE A 6 28.35 3.52 -15.34
CA PHE A 6 27.17 3.69 -16.20
C PHE A 6 26.63 2.35 -16.73
N GLY A 7 27.52 1.40 -17.01
CA GLY A 7 27.18 0.05 -17.43
C GLY A 7 26.27 -0.70 -16.46
N GLU A 8 26.34 -0.41 -15.15
CA GLU A 8 25.43 -0.98 -14.15
C GLU A 8 24.22 -0.10 -13.82
N VAL A 9 24.37 1.23 -13.82
CA VAL A 9 23.25 2.15 -13.54
C VAL A 9 22.09 1.89 -14.50
N PHE A 10 22.38 1.67 -15.78
CA PHE A 10 21.37 1.36 -16.80
C PHE A 10 21.07 -0.15 -16.96
N ASN A 11 21.58 -1.01 -16.07
CA ASN A 11 21.34 -2.47 -16.10
C ASN A 11 21.00 -3.13 -14.75
N ALA A 12 20.98 -2.39 -13.63
CA ALA A 12 20.37 -2.86 -12.40
C ALA A 12 18.86 -3.04 -12.63
N THR A 13 18.33 -4.25 -12.46
CA THR A 13 16.90 -4.54 -12.69
C THR A 13 16.02 -4.00 -11.55
N ARG A 14 16.53 -3.98 -10.34
CA ARG A 14 15.94 -3.41 -9.12
C ARG A 14 16.29 -1.92 -8.96
N PHE A 15 15.30 -1.05 -9.13
CA PHE A 15 15.34 0.39 -8.84
C PHE A 15 14.40 0.71 -7.66
N ALA A 16 14.76 1.67 -6.80
CA ALA A 16 13.81 2.24 -5.84
C ALA A 16 12.69 3.02 -6.54
N SER A 17 11.58 3.20 -5.84
CA SER A 17 10.52 4.09 -6.32
C SER A 17 10.80 5.54 -5.94
N VAL A 18 10.19 6.48 -6.67
CA VAL A 18 10.62 7.88 -6.67
C VAL A 18 10.63 8.55 -5.30
N TYR A 19 9.68 8.25 -4.39
CA TYR A 19 9.68 8.87 -3.06
C TYR A 19 10.97 8.58 -2.28
N ALA A 20 11.60 7.42 -2.55
CA ALA A 20 12.84 6.95 -1.96
C ALA A 20 13.98 6.89 -2.98
N TRP A 21 14.03 7.84 -3.92
CA TRP A 21 14.93 7.82 -5.07
C TRP A 21 16.39 7.46 -4.74
N ASN A 22 16.96 6.52 -5.51
CA ASN A 22 18.35 6.08 -5.30
C ASN A 22 19.32 7.19 -5.73
N ARG A 23 20.49 7.23 -5.09
CA ARG A 23 21.65 8.00 -5.55
C ARG A 23 22.89 7.11 -5.61
N LYS A 24 23.61 7.19 -6.73
CA LYS A 24 24.94 6.61 -6.96
C LYS A 24 25.86 7.71 -7.44
N ARG A 25 27.14 7.66 -7.11
CA ARG A 25 28.08 8.76 -7.33
C ARG A 25 29.28 8.29 -8.13
N ILE A 26 29.74 9.14 -9.05
CA ILE A 26 30.77 8.80 -10.04
C ILE A 26 32.10 9.43 -9.62
N SER A 27 33.20 8.67 -9.63
CA SER A 27 34.54 9.18 -9.29
C SER A 27 35.68 8.37 -9.93
N ASN A 28 36.82 9.01 -10.16
CA ASN A 28 38.06 8.42 -10.68
C ASN A 28 37.84 7.53 -11.92
N CYS A 29 37.09 7.97 -12.94
CA CYS A 29 36.78 7.11 -14.08
C CYS A 29 36.45 7.79 -15.42
N VAL A 30 36.60 7.00 -16.49
CA VAL A 30 36.22 7.29 -17.88
C VAL A 30 34.70 7.27 -18.02
N ALA A 31 34.08 8.41 -18.24
CA ALA A 31 32.63 8.57 -18.39
C ALA A 31 32.21 8.59 -19.87
N ASP A 32 31.98 7.43 -20.48
CA ASP A 32 31.50 7.38 -21.87
C ASP A 32 30.02 7.79 -21.99
N TYR A 33 29.75 9.10 -21.93
CA TYR A 33 28.42 9.62 -22.21
C TYR A 33 27.97 9.28 -23.63
N SER A 34 28.90 9.26 -24.59
CA SER A 34 28.53 9.15 -26.00
C SER A 34 27.88 7.81 -26.32
N VAL A 35 28.34 6.69 -25.76
CA VAL A 35 27.68 5.40 -26.01
C VAL A 35 26.27 5.37 -25.43
N LEU A 36 25.97 6.18 -24.41
CA LEU A 36 24.59 6.35 -23.96
C LEU A 36 23.75 6.97 -25.08
N TYR A 37 24.28 7.99 -25.75
CA TYR A 37 23.61 8.64 -26.87
C TYR A 37 23.43 7.71 -28.10
N ASN A 38 24.25 6.65 -28.21
CA ASN A 38 24.11 5.58 -29.22
C ASN A 38 23.04 4.52 -28.88
N SER A 39 22.40 4.61 -27.72
CA SER A 39 21.45 3.59 -27.26
C SER A 39 20.24 3.40 -28.18
N ALA A 40 19.86 2.15 -28.42
CA ALA A 40 18.67 1.82 -29.21
C ALA A 40 17.37 2.20 -28.48
N SER A 41 17.28 1.93 -27.18
CA SER A 41 16.01 1.88 -26.44
C SER A 41 15.54 3.20 -25.82
N PHE A 42 16.38 4.23 -25.69
CA PHE A 42 16.04 5.42 -24.89
C PHE A 42 14.92 6.28 -25.51
N SER A 43 14.17 6.96 -24.65
CA SER A 43 12.93 7.69 -25.01
C SER A 43 12.93 9.16 -24.57
N THR A 44 13.99 9.62 -23.92
CA THR A 44 14.33 11.03 -23.71
C THR A 44 15.81 11.11 -23.37
N PHE A 45 16.47 12.19 -23.78
CA PHE A 45 17.86 12.52 -23.42
C PHE A 45 17.97 14.05 -23.27
N LYS A 46 16.95 14.68 -22.69
CA LYS A 46 16.85 16.14 -22.66
C LYS A 46 17.74 16.67 -21.56
N CYS A 47 18.62 17.62 -21.90
CA CYS A 47 19.68 18.07 -21.03
C CYS A 47 19.65 19.57 -20.80
N TYR A 48 20.24 19.99 -19.69
CA TYR A 48 20.11 21.33 -19.15
C TYR A 48 21.50 21.90 -18.87
N GLY A 49 21.78 23.08 -19.43
CA GLY A 49 23.14 23.63 -19.49
C GLY A 49 24.09 22.94 -20.47
N VAL A 50 23.64 22.02 -21.34
CA VAL A 50 24.46 21.23 -22.30
C VAL A 50 23.66 20.71 -23.54
N SER A 51 24.36 20.25 -24.59
CA SER A 51 23.88 19.36 -25.69
C SER A 51 24.62 18.00 -25.64
N PRO A 52 23.93 16.87 -25.58
CA PRO A 52 24.51 15.60 -25.19
C PRO A 52 25.62 15.07 -26.09
N THR A 53 25.60 15.35 -27.40
CA THR A 53 26.59 14.79 -28.35
C THR A 53 28.03 15.15 -27.93
N LYS A 54 28.27 16.39 -27.46
CA LYS A 54 29.62 16.93 -27.23
C LYS A 54 30.25 16.49 -25.91
N LEU A 55 29.47 15.98 -24.96
CA LEU A 55 29.82 15.88 -23.52
C LEU A 55 31.15 15.18 -23.24
N ASN A 56 31.52 14.24 -24.09
CA ASN A 56 32.63 13.33 -23.87
C ASN A 56 33.95 14.04 -23.57
N ASP A 57 34.17 15.21 -24.16
CA ASP A 57 35.41 15.94 -24.04
C ASP A 57 35.48 16.84 -22.78
N LEU A 58 34.46 16.85 -21.92
CA LEU A 58 34.40 17.69 -20.71
C LEU A 58 34.85 16.97 -19.41
N CYS A 59 35.18 17.77 -18.39
CA CYS A 59 35.71 17.30 -17.10
C CYS A 59 35.00 17.92 -15.89
N PHE A 60 34.87 17.15 -14.80
CA PHE A 60 33.89 17.34 -13.71
C PHE A 60 34.42 16.95 -12.32
N THR A 61 33.94 17.65 -11.27
CA THR A 61 34.26 17.37 -9.85
C THR A 61 33.67 16.04 -9.37
N ASN A 62 32.37 15.90 -9.58
CA ASN A 62 31.46 14.82 -9.25
C ASN A 62 30.34 14.77 -10.28
N VAL A 63 29.77 13.58 -10.40
CA VAL A 63 28.46 13.40 -11.01
C VAL A 63 27.67 12.51 -10.06
N TYR A 64 26.38 12.83 -9.88
CA TYR A 64 25.44 11.91 -9.27
C TYR A 64 24.55 11.32 -10.35
N ALA A 65 24.39 10.00 -10.37
CA ALA A 65 23.24 9.40 -11.00
C ALA A 65 22.17 9.21 -9.92
N ASP A 66 21.05 9.90 -10.06
CA ASP A 66 19.85 9.68 -9.26
C ASP A 66 18.89 8.83 -10.10
N SER A 67 18.26 7.79 -9.55
CA SER A 67 17.41 6.91 -10.38
C SER A 67 16.17 6.39 -9.67
N PHE A 68 15.12 6.18 -10.47
CA PHE A 68 13.76 5.89 -10.04
C PHE A 68 12.85 5.50 -11.23
N VAL A 69 11.57 5.25 -10.99
CA VAL A 69 10.55 4.99 -12.02
C VAL A 69 9.32 5.89 -11.84
N ILE A 70 8.67 6.25 -12.95
CA ILE A 70 7.64 7.28 -13.08
C ILE A 70 6.56 6.82 -14.06
N ARG A 71 5.31 7.24 -13.88
CA ARG A 71 4.29 7.07 -14.93
C ARG A 71 4.58 8.02 -16.10
N GLY A 72 4.64 7.49 -17.32
CA GLY A 72 5.15 8.20 -18.49
C GLY A 72 4.54 9.58 -18.73
N ASP A 73 3.22 9.75 -18.64
CA ASP A 73 2.60 11.05 -18.89
C ASP A 73 2.97 12.13 -17.85
N GLU A 74 3.60 11.77 -16.72
CA GLU A 74 4.20 12.72 -15.78
C GLU A 74 5.74 12.72 -15.80
N VAL A 75 6.42 12.08 -16.75
CA VAL A 75 7.88 12.24 -16.92
C VAL A 75 8.31 13.70 -17.13
N ARG A 76 7.46 14.52 -17.76
CA ARG A 76 7.74 15.95 -18.00
C ARG A 76 8.08 16.73 -16.73
N GLN A 77 7.53 16.31 -15.59
CA GLN A 77 7.70 17.04 -14.34
C GLN A 77 9.14 17.12 -13.86
N ILE A 78 10.00 16.14 -14.22
CA ILE A 78 11.27 15.88 -13.51
C ILE A 78 12.27 17.03 -13.63
N ALA A 79 12.35 17.64 -14.81
CA ALA A 79 13.20 18.80 -15.08
C ALA A 79 12.74 20.07 -14.35
N PRO A 80 13.53 21.14 -14.34
CA PRO A 80 13.20 22.36 -13.61
C PRO A 80 11.84 23.00 -13.95
N GLY A 81 11.41 23.93 -13.10
CA GLY A 81 10.49 25.01 -13.46
C GLY A 81 9.00 24.72 -13.43
N GLN A 82 8.57 23.47 -13.32
CA GLN A 82 7.14 23.09 -13.31
C GLN A 82 6.69 22.41 -12.01
N THR A 83 5.60 22.90 -11.41
CA THR A 83 4.90 22.15 -10.36
C THR A 83 4.28 20.87 -10.92
N GLY A 84 4.10 19.89 -10.05
CA GLY A 84 3.42 18.61 -10.30
C GLY A 84 3.87 17.60 -9.25
N LYS A 85 3.05 16.58 -8.94
CA LYS A 85 3.24 15.72 -7.75
C LYS A 85 4.67 15.23 -7.53
N ILE A 86 5.39 14.88 -8.59
CA ILE A 86 6.78 14.45 -8.48
C ILE A 86 7.67 15.64 -8.09
N ALA A 87 7.65 16.72 -8.86
CA ALA A 87 8.48 17.88 -8.60
C ALA A 87 8.08 18.62 -7.31
N ASP A 88 6.82 18.52 -6.89
CA ASP A 88 6.30 19.15 -5.68
C ASP A 88 6.73 18.40 -4.42
N TYR A 89 6.73 17.07 -4.47
CA TYR A 89 6.77 16.25 -3.26
C TYR A 89 7.83 15.14 -3.26
N ASN A 90 8.36 14.72 -4.41
CA ASN A 90 9.20 13.53 -4.51
C ASN A 90 10.64 13.81 -4.94
N TYR A 91 10.85 14.63 -5.96
CA TYR A 91 12.17 14.87 -6.54
C TYR A 91 12.18 16.21 -7.29
N LYS A 92 12.74 17.26 -6.68
CA LYS A 92 12.81 18.60 -7.27
C LYS A 92 14.23 18.92 -7.67
N LEU A 93 14.45 19.28 -8.93
CA LEU A 93 15.72 19.83 -9.41
C LEU A 93 15.80 21.35 -9.19
N PRO A 94 17.01 21.93 -9.11
CA PRO A 94 17.20 23.32 -8.76
C PRO A 94 16.55 24.33 -9.70
N ASP A 95 16.57 25.60 -9.30
CA ASP A 95 16.24 26.73 -10.17
C ASP A 95 17.09 26.73 -11.46
N ASP A 96 18.40 26.49 -11.34
CA ASP A 96 19.37 26.38 -12.44
C ASP A 96 20.21 25.10 -12.35
N PHE A 97 19.57 23.97 -12.61
CA PHE A 97 20.21 22.66 -12.75
C PHE A 97 21.29 22.65 -13.83
N THR A 98 22.17 21.64 -13.82
CA THR A 98 23.11 21.39 -14.92
C THR A 98 23.42 19.90 -14.95
N GLY A 99 23.10 19.25 -16.07
CA GLY A 99 23.01 17.80 -16.12
C GLY A 99 22.08 17.34 -17.23
N CYS A 100 21.71 16.06 -17.20
CA CYS A 100 20.79 15.52 -18.18
C CYS A 100 19.84 14.50 -17.60
N VAL A 101 18.63 14.44 -18.13
CA VAL A 101 17.59 13.48 -17.74
C VAL A 101 17.48 12.46 -18.85
N ILE A 102 17.62 11.18 -18.50
CA ILE A 102 17.49 10.05 -19.41
C ILE A 102 16.32 9.19 -18.97
N ALA A 103 15.44 8.78 -19.89
CA ALA A 103 14.27 8.00 -19.55
C ALA A 103 13.87 7.00 -20.63
N TRP A 104 13.30 5.86 -20.27
CA TRP A 104 12.88 4.84 -21.24
C TRP A 104 11.68 4.02 -20.78
N ASN A 105 10.84 3.60 -21.73
CA ASN A 105 9.71 2.73 -21.46
C ASN A 105 10.24 1.45 -20.83
N SER A 106 9.62 1.04 -19.73
CA SER A 106 10.03 -0.09 -18.93
C SER A 106 8.91 -1.11 -18.74
N ASN A 107 7.77 -1.04 -19.46
CA ASN A 107 6.63 -1.94 -19.19
C ASN A 107 6.99 -3.44 -19.31
N ASN A 108 7.84 -3.81 -20.26
CA ASN A 108 8.36 -5.17 -20.46
C ASN A 108 9.24 -5.62 -19.27
N LEU A 109 9.90 -4.68 -18.58
CA LEU A 109 10.76 -4.95 -17.42
C LEU A 109 10.03 -4.88 -16.07
N ASP A 110 9.16 -3.88 -15.89
CA ASP A 110 8.61 -3.45 -14.59
C ASP A 110 7.15 -3.85 -14.33
N SER A 111 6.36 -4.14 -15.35
CA SER A 111 4.94 -4.39 -15.08
C SER A 111 4.76 -5.76 -14.42
N LYS A 112 3.69 -5.93 -13.64
CA LYS A 112 3.23 -7.24 -13.11
C LYS A 112 1.73 -7.33 -13.33
N VAL A 113 1.19 -8.51 -13.60
CA VAL A 113 -0.24 -8.71 -13.92
C VAL A 113 -1.23 -8.24 -12.83
N GLY A 114 -0.74 -7.98 -11.61
CA GLY A 114 -1.51 -7.38 -10.52
C GLY A 114 -1.32 -5.86 -10.32
N GLY A 115 -0.23 -5.26 -10.83
CA GLY A 115 0.02 -3.81 -10.76
C GLY A 115 1.33 -3.37 -10.10
N ASN A 116 2.10 -4.29 -9.53
CA ASN A 116 3.42 -4.01 -8.93
C ASN A 116 3.42 -2.88 -7.88
N TYR A 117 2.71 -3.12 -6.78
CA TYR A 117 2.61 -2.18 -5.66
C TYR A 117 3.93 -1.94 -4.89
N ASN A 118 5.06 -2.50 -5.32
CA ASN A 118 6.37 -2.03 -4.88
C ASN A 118 6.71 -0.62 -5.39
N TYR A 119 5.97 -0.07 -6.37
CA TYR A 119 6.19 1.29 -6.85
C TYR A 119 5.17 2.28 -6.29
N LEU A 120 5.71 3.34 -5.68
CA LEU A 120 5.08 4.29 -4.76
C LEU A 120 5.56 5.73 -5.05
N TYR A 121 4.68 6.71 -4.94
CA TYR A 121 5.03 8.12 -4.95
C TYR A 121 4.28 8.85 -3.85
N ARG A 122 4.94 9.79 -3.18
CA ARG A 122 4.30 10.64 -2.17
C ARG A 122 3.31 11.56 -2.87
N LEU A 123 2.10 11.72 -2.34
CA LEU A 123 1.13 12.67 -2.89
C LEU A 123 0.55 13.66 -1.89
N PHE A 124 0.95 13.60 -0.61
CA PHE A 124 0.63 14.62 0.38
C PHE A 124 1.87 15.06 1.14
N ARG A 125 2.02 16.35 1.37
CA ARG A 125 3.05 16.94 2.23
C ARG A 125 2.57 18.30 2.72
N LYS A 126 3.10 18.75 3.86
CA LYS A 126 2.71 20.05 4.45
C LYS A 126 3.23 21.25 3.63
N SER A 127 4.30 21.06 2.88
CA SER A 127 4.88 22.04 1.95
C SER A 127 5.80 21.35 0.93
N ASN A 128 6.10 22.00 -0.19
CA ASN A 128 6.93 21.40 -1.24
C ASN A 128 8.40 21.28 -0.82
N LEU A 129 9.11 20.28 -1.33
CA LEU A 129 10.50 19.97 -0.95
C LEU A 129 11.53 20.80 -1.71
N LYS A 130 12.68 21.07 -1.09
CA LYS A 130 13.78 21.87 -1.67
C LYS A 130 14.67 21.05 -2.61
N PRO A 131 15.53 21.68 -3.43
CA PRO A 131 16.29 20.98 -4.45
C PRO A 131 17.09 19.81 -3.91
N PHE A 132 16.93 18.64 -4.54
CA PHE A 132 17.49 17.35 -4.10
C PHE A 132 17.20 16.98 -2.64
N GLU A 133 16.17 17.52 -2.00
CA GLU A 133 15.65 16.98 -0.76
C GLU A 133 15.13 15.55 -1.00
N ARG A 134 15.13 14.74 0.05
CA ARG A 134 14.67 13.35 0.02
C ARG A 134 13.92 13.06 1.30
N ASP A 135 12.84 12.29 1.23
CA ASP A 135 11.98 12.05 2.38
C ASP A 135 11.29 10.70 2.30
N ILE A 136 11.82 9.74 3.06
CA ILE A 136 11.25 8.39 3.21
C ILE A 136 10.42 8.24 4.50
N SER A 137 10.11 9.33 5.22
CA SER A 137 9.18 9.26 6.36
C SER A 137 7.77 8.93 5.88
N THR A 138 6.98 8.20 6.68
CA THR A 138 5.63 7.76 6.26
C THR A 138 4.59 7.92 7.36
N GLU A 139 4.83 8.82 8.32
CA GLU A 139 3.84 9.17 9.32
C GLU A 139 2.61 9.84 8.69
N ILE A 140 1.42 9.57 9.23
CA ILE A 140 0.13 9.99 8.65
C ILE A 140 0.03 11.49 8.43
N TYR A 141 -0.38 11.89 7.22
CA TYR A 141 -0.69 13.26 6.86
C TYR A 141 -2.12 13.62 7.24
N GLN A 142 -2.30 14.67 8.04
CA GLN A 142 -3.63 15.12 8.47
C GLN A 142 -4.32 15.94 7.39
N ALA A 143 -5.65 15.94 7.38
CA ALA A 143 -6.47 16.77 6.52
C ALA A 143 -7.64 17.45 7.27
N GLY A 144 -7.54 17.59 8.59
CA GLY A 144 -8.54 18.22 9.45
C GLY A 144 -8.03 18.36 10.90
N SER A 145 -8.75 19.09 11.75
CA SER A 145 -8.35 19.38 13.14
C SER A 145 -8.13 18.10 13.98
N THR A 146 -8.65 16.98 13.50
CA THR A 146 -8.32 15.63 13.95
C THR A 146 -6.81 15.42 14.09
N PRO A 147 -6.28 15.21 15.30
CA PRO A 147 -4.95 14.67 15.47
C PRO A 147 -5.02 13.19 15.09
N CYS A 148 -4.37 12.81 13.99
CA CYS A 148 -4.47 11.45 13.46
C CYS A 148 -3.77 10.38 14.31
N ASN A 149 -3.09 10.74 15.40
CA ASN A 149 -2.41 9.81 16.34
C ASN A 149 -1.40 8.85 15.68
N GLY A 150 -0.93 9.13 14.47
CA GLY A 150 -0.11 8.18 13.70
C GLY A 150 -0.86 6.96 13.13
N VAL A 151 -2.19 7.00 12.93
CA VAL A 151 -2.97 5.92 12.30
C VAL A 151 -4.08 6.46 11.36
N GLU A 152 -4.31 5.79 10.22
CA GLU A 152 -5.11 6.30 9.10
C GLU A 152 -6.63 6.20 9.27
N GLY A 153 -7.38 7.00 8.51
CA GLY A 153 -8.85 7.08 8.58
C GLY A 153 -9.39 8.23 7.74
N PHE A 154 -10.65 8.64 7.96
CA PHE A 154 -11.19 9.82 7.28
C PHE A 154 -10.35 11.07 7.62
N ASN A 155 -10.02 11.90 6.63
CA ASN A 155 -9.09 13.03 6.78
C ASN A 155 -7.70 12.67 7.37
N CYS A 156 -7.25 11.41 7.31
CA CYS A 156 -5.97 10.95 7.83
C CYS A 156 -5.34 9.96 6.86
N TYR A 157 -4.39 10.43 6.06
CA TYR A 157 -3.91 9.72 4.89
C TYR A 157 -2.51 9.14 5.08
N PHE A 158 -2.31 7.91 4.60
CA PHE A 158 -0.98 7.36 4.40
C PHE A 158 -0.29 8.08 3.24
N PRO A 159 0.91 8.64 3.40
CA PRO A 159 1.45 9.62 2.45
C PRO A 159 1.74 9.09 1.04
N LEU A 160 1.92 7.79 0.87
CA LEU A 160 2.42 7.20 -0.36
C LEU A 160 1.30 6.50 -1.12
N GLN A 161 1.12 6.82 -2.40
CA GLN A 161 0.19 6.14 -3.29
C GLN A 161 0.95 5.35 -4.34
N SER A 162 0.47 4.15 -4.67
CA SER A 162 1.11 3.32 -5.70
C SER A 162 0.72 3.70 -7.12
N TYR A 163 1.61 3.46 -8.09
CA TYR A 163 1.33 3.69 -9.51
C TYR A 163 0.43 2.63 -10.17
N GLY A 164 0.46 1.37 -9.72
CA GLY A 164 -0.35 0.32 -10.35
C GLY A 164 0.01 0.08 -11.83
N PHE A 165 1.27 -0.17 -12.15
CA PHE A 165 1.76 -0.43 -13.51
C PHE A 165 1.33 -1.81 -14.07
N GLN A 166 0.07 -1.91 -14.50
CA GLN A 166 -0.45 -3.09 -15.19
C GLN A 166 0.17 -3.24 -16.59
N PRO A 167 0.17 -4.44 -17.20
CA PRO A 167 0.46 -4.59 -18.63
C PRO A 167 -0.55 -3.86 -19.54
N THR A 168 -1.84 -3.89 -19.21
CA THR A 168 -2.92 -3.15 -19.92
C THR A 168 -2.94 -1.66 -19.53
N ASN A 169 -1.90 -0.93 -19.94
CA ASN A 169 -1.79 0.54 -19.79
C ASN A 169 -1.46 1.18 -21.14
N GLY A 170 -2.06 2.33 -21.43
CA GLY A 170 -1.71 3.14 -22.61
C GLY A 170 -0.31 3.74 -22.49
N VAL A 171 0.23 4.24 -23.60
CA VAL A 171 1.65 4.64 -23.77
C VAL A 171 2.14 5.50 -22.61
N GLY A 172 1.31 6.42 -22.13
CA GLY A 172 1.60 7.34 -21.03
C GLY A 172 1.36 6.77 -19.64
N TYR A 173 0.45 5.81 -19.47
CA TYR A 173 0.27 5.17 -18.15
C TYR A 173 1.40 4.19 -17.82
N GLN A 174 2.14 3.72 -18.83
CA GLN A 174 3.22 2.76 -18.67
C GLN A 174 4.35 3.31 -17.75
N PRO A 175 5.13 2.42 -17.10
CA PRO A 175 6.27 2.82 -16.29
C PRO A 175 7.46 3.24 -17.15
N TYR A 176 8.00 4.42 -16.92
CA TYR A 176 9.26 4.85 -17.52
C TYR A 176 10.27 4.97 -16.41
N ARG A 177 11.38 4.25 -16.52
CA ARG A 177 12.53 4.50 -15.65
C ARG A 177 13.11 5.84 -16.00
N VAL A 178 13.75 6.44 -15.01
CA VAL A 178 14.47 7.70 -15.17
C VAL A 178 15.81 7.58 -14.47
N VAL A 179 16.84 8.14 -15.09
CA VAL A 179 18.07 8.48 -14.42
C VAL A 179 18.33 9.95 -14.66
N VAL A 180 18.60 10.69 -13.60
CA VAL A 180 19.04 12.08 -13.70
C VAL A 180 20.53 12.10 -13.40
N LEU A 181 21.33 12.44 -14.39
CA LEU A 181 22.74 12.69 -14.20
C LEU A 181 22.90 14.15 -13.84
N SER A 182 23.18 14.41 -12.57
CA SER A 182 23.44 15.74 -12.02
C SER A 182 24.93 16.01 -12.03
N PHE A 183 25.38 17.08 -12.68
CA PHE A 183 26.80 17.37 -12.86
C PHE A 183 27.34 18.39 -11.87
N GLU A 184 28.66 18.45 -11.67
CA GLU A 184 29.29 19.57 -10.98
C GLU A 184 30.69 19.94 -11.47
N LEU A 185 30.95 21.25 -11.51
CA LEU A 185 32.09 21.91 -12.13
C LEU A 185 33.03 22.50 -11.06
N LEU A 186 32.68 23.64 -10.44
CA LEU A 186 33.49 24.40 -9.45
C LEU A 186 34.80 24.96 -10.02
N HIS A 187 35.78 25.22 -9.13
CA HIS A 187 37.25 25.27 -9.37
C HIS A 187 37.83 23.98 -9.99
N ALA A 188 37.06 22.89 -9.98
CA ALA A 188 37.16 21.65 -10.75
C ALA A 188 38.36 20.73 -10.52
N PRO A 189 38.59 20.22 -9.29
CA PRO A 189 39.57 19.17 -9.00
C PRO A 189 39.05 17.79 -9.47
N ALA A 190 38.81 17.68 -10.77
CA ALA A 190 38.04 16.64 -11.38
C ALA A 190 38.61 15.23 -11.18
N THR A 191 37.72 14.24 -11.09
CA THR A 191 38.05 12.81 -11.25
C THR A 191 37.11 12.12 -12.24
N VAL A 192 36.27 12.88 -12.94
CA VAL A 192 35.33 12.35 -13.94
C VAL A 192 35.46 13.15 -15.22
N CYS A 193 35.77 12.48 -16.33
CA CYS A 193 35.78 13.03 -17.68
C CYS A 193 35.45 11.88 -18.66
N GLY A 194 34.91 12.20 -19.83
CA GLY A 194 34.74 11.18 -20.87
C GLY A 194 36.04 10.87 -21.60
N PRO A 195 36.10 9.75 -22.35
CA PRO A 195 37.27 9.37 -23.14
C PRO A 195 37.59 10.41 -24.22
N GLN B 1 -5.13 -12.37 -6.50
CA GLN B 1 -3.85 -13.11 -6.69
C GLN B 1 -3.23 -13.53 -5.36
N VAL B 2 -2.63 -12.59 -4.60
CA VAL B 2 -1.86 -12.92 -3.38
C VAL B 2 -2.71 -13.66 -2.35
N GLN B 3 -2.23 -14.83 -1.93
CA GLN B 3 -2.93 -15.70 -1.00
C GLN B 3 -2.16 -15.75 0.32
N LEU B 4 -2.78 -15.36 1.42
CA LEU B 4 -2.21 -15.51 2.75
C LEU B 4 -2.39 -16.96 3.22
N VAL B 5 -1.37 -17.54 3.84
CA VAL B 5 -1.46 -18.81 4.55
C VAL B 5 -0.98 -18.60 5.99
N GLN B 6 -1.57 -19.33 6.92
CA GLN B 6 -1.61 -18.93 8.31
C GLN B 6 -1.28 -20.09 9.27
N SER B 7 -0.57 -19.78 10.36
CA SER B 7 -0.10 -20.77 11.34
C SER B 7 -1.22 -21.63 11.94
N GLY B 8 -0.92 -22.91 12.18
CA GLY B 8 -1.80 -23.87 12.84
C GLY B 8 -2.12 -23.49 14.29
N ALA B 9 -3.12 -24.17 14.86
CA ALA B 9 -3.72 -23.82 16.14
C ALA B 9 -2.74 -23.88 17.33
N GLU B 10 -2.91 -22.98 18.30
CA GLU B 10 -2.07 -22.86 19.49
C GLU B 10 -2.85 -23.13 20.78
N VAL B 11 -2.46 -24.17 21.51
CA VAL B 11 -3.02 -24.48 22.84
C VAL B 11 -1.97 -24.08 23.86
N LYS B 12 -2.26 -23.17 24.79
CA LYS B 12 -1.30 -22.69 25.82
C LYS B 12 -1.95 -22.52 27.19
N LYS B 13 -1.19 -22.70 28.28
CA LYS B 13 -1.65 -22.43 29.66
C LYS B 13 -1.97 -20.94 29.88
N PRO B 14 -2.91 -20.58 30.79
CA PRO B 14 -3.36 -19.21 30.97
C PRO B 14 -2.21 -18.27 31.34
N GLY B 15 -2.29 -17.01 30.93
CA GLY B 15 -1.25 -15.99 31.14
C GLY B 15 0.00 -16.16 30.26
N SER B 16 0.49 -17.39 30.05
CA SER B 16 1.69 -17.67 29.26
C SER B 16 1.50 -17.26 27.80
N SER B 17 2.49 -16.58 27.19
CA SER B 17 2.30 -15.91 25.90
C SER B 17 2.08 -16.86 24.72
N VAL B 18 1.60 -16.32 23.59
CA VAL B 18 1.40 -17.04 22.31
C VAL B 18 2.04 -16.28 21.16
N LYS B 19 2.40 -17.01 20.09
CA LYS B 19 2.85 -16.49 18.80
C LYS B 19 2.17 -17.21 17.65
N VAL B 20 1.73 -16.45 16.66
CA VAL B 20 1.04 -16.90 15.44
C VAL B 20 1.52 -16.06 14.27
N SER B 21 1.35 -16.55 13.05
CA SER B 21 1.95 -15.92 11.87
C SER B 21 1.13 -16.10 10.62
N CYS B 22 1.34 -15.16 9.69
CA CYS B 22 0.85 -15.23 8.34
C CYS B 22 1.99 -14.97 7.38
N LYS B 23 2.04 -15.73 6.30
CA LYS B 23 2.95 -15.48 5.18
C LYS B 23 2.22 -15.50 3.86
N ALA B 24 2.64 -14.62 2.97
CA ALA B 24 2.04 -14.50 1.64
C ALA B 24 2.47 -15.64 0.71
N SER B 25 1.76 -15.81 -0.40
CA SER B 25 2.11 -16.69 -1.52
C SER B 25 1.57 -16.11 -2.83
N GLY B 26 2.24 -16.38 -3.95
CA GLY B 26 1.94 -15.71 -5.22
C GLY B 26 2.27 -14.20 -5.23
N GLY B 27 3.21 -13.78 -4.38
CA GLY B 27 3.59 -12.38 -4.17
C GLY B 27 4.33 -12.21 -2.85
N THR B 28 4.31 -11.00 -2.30
CA THR B 28 4.78 -10.69 -0.94
C THR B 28 4.02 -9.48 -0.39
N PHE B 29 4.41 -8.94 0.76
CA PHE B 29 3.86 -7.69 1.30
C PHE B 29 4.32 -6.46 0.49
N SER B 30 3.82 -6.31 -0.74
CA SER B 30 4.09 -5.18 -1.63
C SER B 30 3.41 -3.90 -1.14
N SER B 31 3.89 -3.35 -0.03
CA SER B 31 3.36 -2.14 0.60
C SER B 31 1.88 -2.21 0.98
N TYR B 32 1.33 -3.40 1.15
CA TYR B 32 0.05 -3.58 1.82
C TYR B 32 0.20 -3.31 3.32
N ALA B 33 -0.87 -2.94 4.00
CA ALA B 33 -0.93 -3.26 5.41
C ALA B 33 -1.32 -4.73 5.55
N ILE B 34 -0.93 -5.36 6.64
CA ILE B 34 -1.61 -6.53 7.17
C ILE B 34 -2.04 -6.19 8.58
N SER B 35 -3.18 -6.71 9.00
CA SER B 35 -3.76 -6.35 10.29
C SER B 35 -4.54 -7.52 10.85
N TRP B 36 -4.70 -7.53 12.17
CA TRP B 36 -5.14 -8.70 12.88
C TRP B 36 -6.50 -8.50 13.50
N VAL B 37 -7.34 -9.52 13.43
CA VAL B 37 -8.73 -9.48 13.83
C VAL B 37 -9.05 -10.70 14.67
N ARG B 38 -9.71 -10.52 15.82
CA ARG B 38 -10.26 -11.62 16.60
C ARG B 38 -11.64 -11.95 16.08
N GLN B 39 -11.95 -13.23 15.92
CA GLN B 39 -13.29 -13.78 16.00
C GLN B 39 -13.37 -14.55 17.31
N ALA B 40 -13.75 -13.87 18.40
CA ALA B 40 -14.12 -14.58 19.63
C ALA B 40 -15.41 -15.39 19.37
N PRO B 41 -15.55 -16.61 19.91
CA PRO B 41 -16.53 -17.59 19.42
C PRO B 41 -17.98 -17.14 19.64
N GLY B 42 -18.65 -16.75 18.54
CA GLY B 42 -20.02 -16.24 18.52
C GLY B 42 -20.18 -14.74 18.79
N GLN B 43 -19.10 -14.03 19.11
CA GLN B 43 -19.10 -12.56 19.25
C GLN B 43 -18.91 -11.87 17.89
N GLY B 44 -19.03 -10.55 17.84
CA GLY B 44 -18.59 -9.77 16.69
C GLY B 44 -17.07 -9.87 16.48
N LEU B 45 -16.61 -9.65 15.25
CA LEU B 45 -15.19 -9.48 14.96
C LEU B 45 -14.63 -8.26 15.71
N GLU B 46 -13.37 -8.26 16.10
CA GLU B 46 -12.70 -7.13 16.76
C GLU B 46 -11.31 -6.89 16.20
N TRP B 47 -10.92 -5.63 16.00
CA TRP B 47 -9.67 -5.30 15.31
C TRP B 47 -8.55 -4.97 16.29
N MET B 48 -7.36 -5.54 16.07
CA MET B 48 -6.25 -5.51 17.01
C MET B 48 -5.19 -4.47 16.68
N GLY B 49 -4.65 -4.48 15.46
CA GLY B 49 -3.59 -3.56 15.09
C GLY B 49 -3.14 -3.65 13.64
N ARG B 50 -2.67 -2.53 13.11
CA ARG B 50 -2.06 -2.39 11.78
C ARG B 50 -0.59 -2.71 11.86
N ILE B 51 -0.03 -3.35 10.84
CA ILE B 51 1.39 -3.23 10.50
C ILE B 51 1.54 -3.05 8.99
N ILE B 52 2.49 -2.22 8.54
CA ILE B 52 2.84 -2.09 7.13
C ILE B 52 4.23 -2.67 6.92
N PRO B 53 4.39 -3.94 6.52
CA PRO B 53 5.69 -4.58 6.47
C PRO B 53 6.76 -3.79 5.70
N MET B 54 6.37 -3.09 4.64
CA MET B 54 7.27 -2.24 3.84
C MET B 54 8.03 -1.20 4.67
N PHE B 55 7.44 -0.74 5.79
CA PHE B 55 8.00 0.30 6.66
C PHE B 55 8.21 -0.17 8.11
N GLY B 56 7.74 -1.37 8.46
CA GLY B 56 7.78 -1.90 9.84
C GLY B 56 6.90 -1.14 10.84
N ILE B 57 6.25 -0.04 10.43
CA ILE B 57 5.35 0.74 11.29
C ILE B 57 4.19 -0.15 11.74
N ALA B 58 3.86 -0.09 13.03
CA ALA B 58 2.72 -0.79 13.60
C ALA B 58 2.04 0.03 14.69
N ASN B 59 0.74 -0.18 14.88
CA ASN B 59 -0.11 0.53 15.84
C ASN B 59 -1.26 -0.37 16.29
N TYR B 60 -1.85 -0.08 17.43
CA TYR B 60 -2.81 -0.99 18.08
C TYR B 60 -4.06 -0.27 18.54
N ALA B 61 -5.17 -0.98 18.64
CA ALA B 61 -6.32 -0.50 19.38
C ALA B 61 -6.02 -0.43 20.87
N GLN B 62 -6.68 0.49 21.57
CA GLN B 62 -6.43 0.77 22.99
C GLN B 62 -6.51 -0.47 23.88
N LYS B 63 -7.45 -1.38 23.57
CA LYS B 63 -7.71 -2.58 24.37
C LYS B 63 -6.55 -3.56 24.39
N PHE B 64 -5.77 -3.61 23.30
CA PHE B 64 -4.64 -4.52 23.15
C PHE B 64 -3.28 -3.84 23.31
N GLN B 65 -3.21 -2.49 23.27
CA GLN B 65 -1.93 -1.79 23.37
C GLN B 65 -1.24 -2.08 24.72
N GLY B 66 -0.01 -2.59 24.65
CA GLY B 66 0.74 -3.13 25.78
C GLY B 66 0.66 -4.67 25.91
N ARG B 67 -0.51 -5.28 25.76
CA ARG B 67 -0.68 -6.75 25.86
C ARG B 67 -0.04 -7.50 24.69
N VAL B 68 -0.07 -6.90 23.50
CA VAL B 68 0.27 -7.50 22.20
C VAL B 68 1.43 -6.78 21.51
N THR B 69 2.17 -7.50 20.68
CA THR B 69 3.05 -6.92 19.67
C THR B 69 2.91 -7.65 18.35
N ILE B 70 2.92 -6.92 17.25
CA ILE B 70 2.96 -7.50 15.90
C ILE B 70 4.18 -6.98 15.14
N THR B 71 4.76 -7.83 14.31
CA THR B 71 6.07 -7.64 13.68
C THR B 71 6.14 -8.36 12.33
N ALA B 72 7.07 -8.01 11.45
CA ALA B 72 7.23 -8.71 10.18
C ALA B 72 8.66 -8.65 9.64
N ASP B 73 9.03 -9.63 8.82
CA ASP B 73 10.27 -9.67 8.05
C ASP B 73 9.94 -9.85 6.56
N LYS B 74 9.85 -8.73 5.84
CA LYS B 74 9.37 -8.68 4.45
C LYS B 74 10.15 -9.58 3.49
N SER B 75 11.45 -9.75 3.70
CA SER B 75 12.31 -10.57 2.83
C SER B 75 11.89 -12.05 2.85
N THR B 76 11.42 -12.54 4.00
CA THR B 76 10.80 -13.87 4.16
C THR B 76 9.26 -13.83 4.10
N SER B 77 8.67 -12.71 3.66
CA SER B 77 7.22 -12.55 3.43
C SER B 77 6.33 -12.93 4.62
N THR B 78 6.87 -12.86 5.84
CA THR B 78 6.21 -13.38 7.05
C THR B 78 5.96 -12.27 8.08
N ALA B 79 4.74 -12.20 8.57
CA ALA B 79 4.32 -11.34 9.67
C ALA B 79 3.83 -12.19 10.82
N TYR B 80 4.03 -11.71 12.05
CA TYR B 80 3.74 -12.43 13.27
C TYR B 80 2.91 -11.57 14.19
N LEU B 81 1.96 -12.17 14.87
CA LEU B 81 1.37 -11.62 16.09
C LEU B 81 1.86 -12.44 17.27
N GLU B 82 2.28 -11.78 18.34
CA GLU B 82 2.47 -12.44 19.63
C GLU B 82 1.76 -11.66 20.72
N LEU B 83 1.09 -12.41 21.60
CA LEU B 83 0.21 -11.87 22.63
C LEU B 83 0.66 -12.38 24.00
N SER B 84 0.92 -11.47 24.93
CA SER B 84 1.26 -11.78 26.32
C SER B 84 0.00 -11.92 27.17
N SER B 85 0.17 -12.40 28.39
CA SER B 85 -0.77 -12.10 29.48
C SER B 85 -2.21 -12.53 29.17
N LEU B 86 -2.35 -13.65 28.45
CA LEU B 86 -3.57 -14.01 27.73
C LEU B 86 -4.67 -14.59 28.63
N ARG B 87 -5.84 -14.83 28.00
CA ARG B 87 -7.07 -15.36 28.60
C ARG B 87 -7.51 -14.64 29.88
N SER B 88 -7.77 -13.35 29.73
CA SER B 88 -8.73 -12.69 30.60
C SER B 88 -10.12 -13.23 30.27
N GLU B 89 -10.52 -13.11 29.00
CA GLU B 89 -11.77 -13.67 28.44
C GLU B 89 -11.55 -14.44 27.12
N ASP B 90 -10.29 -14.66 26.75
CA ASP B 90 -9.87 -14.85 25.37
C ASP B 90 -9.46 -16.29 25.02
N THR B 91 -10.11 -16.85 24.01
CA THR B 91 -9.67 -18.05 23.29
C THR B 91 -10.07 -17.95 21.82
N ALA B 92 -9.91 -16.77 21.22
CA ALA B 92 -10.51 -16.48 19.93
C ALA B 92 -9.91 -17.28 18.76
N VAL B 93 -10.65 -17.38 17.65
CA VAL B 93 -10.01 -17.60 16.35
C VAL B 93 -9.39 -16.28 15.92
N TYR B 94 -8.13 -16.29 15.52
CA TYR B 94 -7.42 -15.11 15.07
C TYR B 94 -7.27 -15.15 13.57
N TYR B 95 -7.62 -14.06 12.90
CA TYR B 95 -7.38 -13.89 11.48
C TYR B 95 -6.36 -12.79 11.27
N CYS B 96 -5.37 -13.02 10.41
CA CYS B 96 -4.74 -11.91 9.72
C CYS B 96 -5.55 -11.56 8.47
N ALA B 97 -5.54 -10.31 8.04
CA ALA B 97 -6.04 -9.92 6.74
C ALA B 97 -5.29 -8.70 6.23
N ARG B 98 -5.11 -8.62 4.91
CA ARG B 98 -4.46 -7.47 4.26
C ARG B 98 -5.46 -6.36 3.98
N TYR B 99 -5.01 -5.12 3.85
CA TYR B 99 -5.78 -4.09 3.17
C TYR B 99 -4.83 -3.10 2.49
N MET B 100 -5.23 -2.51 1.38
CA MET B 100 -4.28 -1.90 0.47
C MET B 100 -4.03 -0.43 0.79
N VAL B 101 -3.28 -0.18 1.86
CA VAL B 101 -3.01 1.16 2.43
C VAL B 101 -2.30 2.16 1.52
N THR B 102 -1.89 1.77 0.31
CA THR B 102 -1.33 2.68 -0.69
C THR B 102 -2.15 2.79 -1.98
N ARG B 103 -3.23 2.03 -2.12
CA ARG B 103 -4.02 1.92 -3.35
C ARG B 103 -5.02 3.07 -3.52
N ASP B 104 -5.46 3.69 -2.43
CA ASP B 104 -6.42 4.78 -2.42
C ASP B 104 -6.39 5.50 -1.07
N GLN B 105 -7.03 6.66 -0.93
CA GLN B 105 -7.34 7.26 0.38
C GLN B 105 -8.57 6.61 1.01
N TYR B 106 -8.67 5.29 0.91
CA TYR B 106 -9.67 4.47 1.55
C TYR B 106 -9.04 3.19 2.09
N TYR B 107 -9.44 2.79 3.29
CA TYR B 107 -8.68 1.86 4.14
C TYR B 107 -9.58 0.84 4.83
N TYR B 108 -8.96 -0.18 5.43
CA TYR B 108 -9.66 -1.20 6.21
C TYR B 108 -10.68 -2.03 5.41
N ASP B 109 -10.66 -1.99 4.08
CA ASP B 109 -11.41 -2.88 3.21
C ASP B 109 -10.63 -4.20 3.02
N MET B 110 -10.79 -5.11 3.97
CA MET B 110 -9.97 -6.30 4.08
C MET B 110 -10.31 -7.33 3.00
N ASP B 111 -9.67 -7.24 1.84
CA ASP B 111 -10.07 -8.03 0.68
C ASP B 111 -9.59 -9.48 0.70
N VAL B 112 -8.57 -9.82 1.50
CA VAL B 112 -8.10 -11.20 1.68
C VAL B 112 -7.77 -11.50 3.13
N TRP B 113 -8.26 -12.65 3.59
CA TRP B 113 -8.19 -13.13 4.96
C TRP B 113 -7.41 -14.43 5.00
N GLY B 114 -6.58 -14.61 6.03
CA GLY B 114 -5.93 -15.88 6.30
C GLY B 114 -6.93 -16.98 6.62
N GLN B 115 -6.47 -18.22 6.67
CA GLN B 115 -7.31 -19.38 6.97
C GLN B 115 -7.92 -19.34 8.39
N GLY B 116 -7.34 -18.53 9.28
CA GLY B 116 -7.72 -18.44 10.68
C GLY B 116 -6.94 -19.42 11.55
N THR B 117 -6.42 -18.95 12.69
CA THR B 117 -5.75 -19.78 13.69
C THR B 117 -6.64 -19.87 14.92
N THR B 118 -7.00 -21.06 15.37
CA THR B 118 -7.57 -21.21 16.72
C THR B 118 -6.49 -20.96 17.77
N VAL B 119 -6.71 -20.09 18.75
CA VAL B 119 -5.77 -19.89 19.88
C VAL B 119 -6.51 -20.03 21.19
N THR B 120 -6.06 -20.92 22.07
CA THR B 120 -6.92 -21.39 23.17
C THR B 120 -6.14 -21.97 24.34
N VAL B 121 -6.85 -22.27 25.42
CA VAL B 121 -6.30 -22.58 26.76
C VAL B 121 -7.03 -23.75 27.41
N SER B 122 -6.38 -24.39 28.40
CA SER B 122 -6.98 -25.45 29.23
C SER B 122 -6.53 -25.37 30.70
N ASP C 1 -13.76 4.37 20.54
CA ASP C 1 -14.16 5.51 19.70
C ASP C 1 -15.54 5.28 19.08
N ILE C 2 -15.64 4.86 17.81
CA ILE C 2 -16.92 4.62 17.13
C ILE C 2 -17.56 3.33 17.63
N GLN C 3 -18.88 3.24 17.56
CA GLN C 3 -19.68 2.08 17.90
C GLN C 3 -20.55 1.67 16.70
N MET C 4 -20.85 0.38 16.57
CA MET C 4 -21.69 -0.19 15.50
C MET C 4 -22.88 -0.96 16.06
N THR C 5 -23.99 -0.99 15.34
CA THR C 5 -25.11 -1.90 15.61
C THR C 5 -25.80 -2.33 14.31
N GLN C 6 -26.37 -3.52 14.28
CA GLN C 6 -26.75 -4.17 13.02
C GLN C 6 -27.96 -5.07 13.23
N SER C 7 -28.94 -5.03 12.33
CA SER C 7 -30.26 -5.61 12.59
C SER C 7 -30.86 -6.32 11.37
N PRO C 8 -31.70 -7.36 11.61
CA PRO C 8 -31.95 -8.02 12.88
C PRO C 8 -30.85 -9.03 13.23
N SER C 9 -30.97 -9.78 14.33
CA SER C 9 -30.06 -10.90 14.63
C SER C 9 -30.17 -12.04 13.62
N SER C 10 -31.39 -12.36 13.14
CA SER C 10 -31.61 -13.43 12.17
C SER C 10 -32.85 -13.22 11.28
N LEU C 11 -32.86 -13.87 10.11
CA LEU C 11 -33.98 -13.92 9.18
C LEU C 11 -34.12 -15.33 8.58
N SER C 12 -35.35 -15.81 8.37
CA SER C 12 -35.60 -16.90 7.43
C SER C 12 -35.81 -16.36 6.01
N ALA C 13 -35.55 -17.19 5.01
CA ALA C 13 -35.71 -16.86 3.59
C ALA C 13 -35.91 -18.14 2.76
N SER C 14 -35.93 -18.02 1.43
CA SER C 14 -36.02 -19.12 0.47
C SER C 14 -35.09 -18.88 -0.72
N VAL C 15 -34.72 -19.93 -1.45
CA VAL C 15 -33.93 -19.75 -2.68
C VAL C 15 -34.75 -18.97 -3.72
N GLY C 16 -34.16 -17.94 -4.31
CA GLY C 16 -34.82 -17.00 -5.19
C GLY C 16 -35.52 -15.82 -4.46
N ASP C 17 -35.51 -15.75 -3.13
CA ASP C 17 -36.12 -14.65 -2.37
C ASP C 17 -35.31 -13.34 -2.51
N ARG C 18 -35.90 -12.20 -2.13
CA ARG C 18 -35.22 -10.91 -1.99
C ARG C 18 -35.27 -10.46 -0.53
N VAL C 19 -34.13 -10.05 0.02
CA VAL C 19 -33.97 -9.77 1.47
C VAL C 19 -33.07 -8.56 1.69
N THR C 20 -33.32 -7.75 2.73
CA THR C 20 -32.54 -6.54 3.05
C THR C 20 -32.23 -6.44 4.53
N ILE C 21 -31.03 -5.94 4.85
CA ILE C 21 -30.36 -5.90 6.15
C ILE C 21 -29.86 -4.49 6.44
N THR C 22 -29.73 -4.06 7.69
CA THR C 22 -29.27 -2.70 8.04
C THR C 22 -28.17 -2.64 9.10
N CYS C 23 -27.34 -1.61 9.02
CA CYS C 23 -26.31 -1.26 10.00
C CYS C 23 -26.38 0.24 10.30
N ARG C 24 -26.13 0.64 11.55
CA ARG C 24 -26.26 2.00 12.06
C ARG C 24 -25.04 2.40 12.88
N ALA C 25 -24.60 3.65 12.76
CA ALA C 25 -23.36 4.14 13.34
C ALA C 25 -23.55 5.33 14.28
N SER C 26 -22.85 5.31 15.41
CA SER C 26 -23.03 6.29 16.49
C SER C 26 -22.22 7.59 16.35
N GLN C 27 -21.34 7.66 15.36
CA GLN C 27 -20.84 8.90 14.77
C GLN C 27 -21.06 8.79 13.26
N SER C 28 -21.33 9.89 12.56
CA SER C 28 -21.54 9.85 11.10
C SER C 28 -20.26 9.57 10.31
N ILE C 29 -20.44 9.03 9.10
CA ILE C 29 -19.43 8.21 8.42
C ILE C 29 -19.17 8.64 6.97
N SER C 30 -19.99 9.52 6.37
CA SER C 30 -19.84 9.96 4.96
C SER C 30 -19.61 8.80 3.98
N ASN C 31 -20.28 7.67 4.21
CA ASN C 31 -20.15 6.43 3.46
C ASN C 31 -18.75 5.79 3.47
N TYR C 32 -17.98 5.89 4.56
CA TYR C 32 -16.82 5.04 4.81
C TYR C 32 -17.24 3.77 5.59
N LEU C 33 -17.86 2.80 4.91
CA LEU C 33 -18.29 1.53 5.49
C LEU C 33 -18.14 0.39 4.50
N ASN C 34 -17.94 -0.83 5.00
CA ASN C 34 -17.78 -2.06 4.24
C ASN C 34 -18.77 -3.13 4.72
N TRP C 35 -18.94 -4.18 3.93
CA TRP C 35 -19.71 -5.37 4.28
C TRP C 35 -18.95 -6.65 4.00
N TYR C 36 -19.04 -7.64 4.89
CA TYR C 36 -18.43 -8.95 4.73
C TYR C 36 -19.46 -10.05 4.97
N GLN C 37 -19.19 -11.26 4.51
CA GLN C 37 -19.87 -12.46 4.97
C GLN C 37 -18.86 -13.50 5.40
N GLN C 38 -19.21 -14.38 6.33
CA GLN C 38 -18.44 -15.58 6.64
C GLN C 38 -19.38 -16.79 6.72
N LYS C 39 -18.96 -17.92 6.16
CA LYS C 39 -19.67 -19.19 6.36
C LYS C 39 -19.32 -19.74 7.75
N PRO C 40 -20.17 -20.55 8.39
CA PRO C 40 -19.87 -21.10 9.71
C PRO C 40 -18.52 -21.84 9.75
N GLY C 41 -17.58 -21.30 10.51
CA GLY C 41 -16.23 -21.87 10.69
C GLY C 41 -15.23 -21.63 9.55
N LYS C 42 -15.41 -20.61 8.71
CA LYS C 42 -14.48 -20.23 7.63
C LYS C 42 -14.24 -18.73 7.58
N ALA C 43 -13.22 -18.33 6.82
CA ALA C 43 -12.77 -16.94 6.71
C ALA C 43 -13.84 -15.98 6.17
N PRO C 44 -13.98 -14.77 6.74
CA PRO C 44 -14.74 -13.69 6.12
C PRO C 44 -14.27 -13.38 4.71
N LYS C 45 -15.19 -12.89 3.87
CA LYS C 45 -14.93 -12.34 2.54
C LYS C 45 -15.69 -11.04 2.37
N LEU C 46 -15.06 -10.05 1.76
CA LEU C 46 -15.62 -8.71 1.58
C LEU C 46 -16.58 -8.68 0.38
N LEU C 47 -17.80 -8.16 0.55
CA LEU C 47 -18.74 -7.94 -0.54
C LEU C 47 -18.69 -6.51 -1.08
N ILE C 48 -18.67 -5.50 -0.20
CA ILE C 48 -18.83 -4.09 -0.60
C ILE C 48 -17.81 -3.22 0.13
N TYR C 49 -17.15 -2.30 -0.55
CA TYR C 49 -16.11 -1.45 0.06
C TYR C 49 -16.45 0.05 0.09
N ALA C 50 -17.73 0.38 0.03
CA ALA C 50 -18.30 1.69 0.30
C ALA C 50 -19.78 1.49 0.70
N ALA C 51 -20.65 2.49 0.54
CA ALA C 51 -22.07 2.20 0.60
C ALA C 51 -22.49 1.15 -0.43
N SER C 52 -22.02 1.27 -1.67
CA SER C 52 -22.55 0.51 -2.82
C SER C 52 -21.51 -0.26 -3.65
N SER C 53 -20.26 0.20 -3.74
CA SER C 53 -19.25 -0.39 -4.63
C SER C 53 -18.94 -1.86 -4.30
N LEU C 54 -19.38 -2.77 -5.17
CA LEU C 54 -19.16 -4.22 -5.06
C LEU C 54 -17.68 -4.56 -5.27
N GLN C 55 -17.18 -5.60 -4.59
CA GLN C 55 -15.81 -6.09 -4.77
C GLN C 55 -15.67 -7.07 -5.95
N SER C 56 -14.48 -7.15 -6.54
CA SER C 56 -14.18 -7.99 -7.71
C SER C 56 -14.53 -9.47 -7.50
N GLY C 57 -14.96 -10.14 -8.56
CA GLY C 57 -15.32 -11.56 -8.60
C GLY C 57 -16.64 -11.92 -7.90
N VAL C 58 -17.18 -11.04 -7.05
CA VAL C 58 -18.46 -11.25 -6.37
C VAL C 58 -19.60 -11.23 -7.39
N PRO C 59 -20.59 -12.15 -7.33
CA PRO C 59 -21.71 -12.17 -8.25
C PRO C 59 -22.68 -10.99 -8.01
N SER C 60 -23.52 -10.70 -9.00
CA SER C 60 -24.47 -9.56 -8.96
C SER C 60 -25.61 -9.71 -7.93
N ARG C 61 -25.61 -10.78 -7.12
CA ARG C 61 -26.62 -11.07 -6.09
C ARG C 61 -26.77 -9.98 -5.04
N PHE C 62 -25.75 -9.14 -4.85
CA PHE C 62 -25.65 -8.15 -3.78
C PHE C 62 -25.77 -6.71 -4.27
N SER C 63 -26.31 -5.84 -3.43
CA SER C 63 -26.20 -4.39 -3.56
C SER C 63 -26.21 -3.74 -2.18
N GLY C 64 -25.67 -2.53 -2.05
CA GLY C 64 -25.64 -1.78 -0.80
C GLY C 64 -25.97 -0.29 -1.00
N SER C 65 -26.35 0.40 0.08
CA SER C 65 -26.77 1.80 0.04
C SER C 65 -26.63 2.49 1.40
N GLY C 66 -26.61 3.82 1.40
CA GLY C 66 -26.62 4.64 2.60
C GLY C 66 -26.06 6.03 2.38
N SER C 67 -26.11 6.87 3.42
CA SER C 67 -25.77 8.31 3.34
C SER C 67 -25.45 8.88 4.73
N GLY C 68 -24.18 8.81 5.14
CA GLY C 68 -23.72 9.39 6.40
C GLY C 68 -23.97 8.53 7.66
N THR C 69 -25.10 7.84 7.73
CA THR C 69 -25.35 6.70 8.62
C THR C 69 -26.55 5.90 8.07
N ASP C 70 -27.10 4.96 8.84
CA ASP C 70 -28.20 4.06 8.44
C ASP C 70 -28.03 3.40 7.06
N PHE C 71 -27.02 2.54 6.93
CA PHE C 71 -26.69 1.78 5.73
C PHE C 71 -27.51 0.49 5.58
N THR C 72 -27.57 -0.03 4.36
CA THR C 72 -28.25 -1.29 4.10
C THR C 72 -27.51 -2.12 3.07
N LEU C 73 -27.77 -3.42 3.12
CA LEU C 73 -27.30 -4.45 2.20
C LEU C 73 -28.49 -5.29 1.76
N THR C 74 -28.57 -5.65 0.50
CA THR C 74 -29.68 -6.42 -0.07
C THR C 74 -29.21 -7.60 -0.91
N ILE C 75 -29.96 -8.68 -0.81
CA ILE C 75 -29.81 -9.92 -1.57
C ILE C 75 -30.99 -10.03 -2.54
N SER C 76 -30.72 -10.23 -3.84
CA SER C 76 -31.76 -10.43 -4.87
C SER C 76 -31.59 -11.76 -5.58
N SER C 77 -32.63 -12.61 -5.57
CA SER C 77 -32.56 -14.04 -5.92
C SER C 77 -31.59 -14.82 -5.04
N LEU C 78 -31.93 -14.90 -3.76
CA LEU C 78 -31.12 -15.47 -2.68
C LEU C 78 -30.74 -16.94 -2.93
N GLN C 79 -29.56 -17.36 -2.51
CA GLN C 79 -28.96 -18.66 -2.84
C GLN C 79 -28.46 -19.39 -1.59
N PRO C 80 -28.20 -20.71 -1.64
CA PRO C 80 -27.43 -21.39 -0.60
C PRO C 80 -26.05 -20.75 -0.36
N GLU C 81 -25.50 -20.05 -1.36
CA GLU C 81 -24.30 -19.20 -1.24
C GLU C 81 -24.46 -18.07 -0.19
N ASP C 82 -25.69 -17.76 0.19
CA ASP C 82 -26.08 -16.64 1.05
C ASP C 82 -26.56 -17.11 2.43
N PHE C 83 -26.36 -18.39 2.76
CA PHE C 83 -26.54 -18.92 4.13
C PHE C 83 -25.59 -18.29 5.17
N ALA C 84 -24.56 -17.60 4.70
CA ALA C 84 -23.52 -16.99 5.53
C ALA C 84 -24.07 -15.99 6.56
N THR C 85 -23.31 -15.78 7.64
CA THR C 85 -23.51 -14.60 8.51
C THR C 85 -22.90 -13.37 7.85
N TYR C 86 -23.56 -12.22 7.94
CA TYR C 86 -23.09 -10.97 7.35
C TYR C 86 -22.69 -9.96 8.43
N TYR C 87 -21.62 -9.19 8.22
CA TYR C 87 -21.15 -8.11 9.11
C TYR C 87 -21.01 -6.80 8.35
N CYS C 88 -21.46 -5.68 8.90
CA CYS C 88 -20.97 -4.35 8.48
C CYS C 88 -19.66 -4.00 9.20
N GLN C 89 -18.95 -2.97 8.75
CA GLN C 89 -17.76 -2.46 9.44
C GLN C 89 -17.46 -1.04 8.99
N GLN C 90 -17.32 -0.10 9.95
CA GLN C 90 -16.99 1.29 9.64
C GLN C 90 -15.50 1.46 9.39
N SER C 91 -15.13 2.34 8.47
CA SER C 91 -13.75 2.65 8.11
C SER C 91 -13.40 4.11 8.39
N TYR C 92 -14.29 4.86 9.03
CA TYR C 92 -14.23 6.31 9.13
C TYR C 92 -13.22 6.79 10.18
N SER C 93 -13.08 6.10 11.30
CA SER C 93 -12.01 6.38 12.26
C SER C 93 -11.56 5.12 12.96
N PRO C 94 -10.26 4.92 13.20
CA PRO C 94 -9.77 3.70 13.83
C PRO C 94 -10.21 3.60 15.30
N PRO C 95 -10.27 2.37 15.86
CA PRO C 95 -10.18 1.10 15.16
C PRO C 95 -11.43 0.81 14.30
N PRO C 96 -11.31 0.12 13.16
CA PRO C 96 -12.41 -0.17 12.26
C PRO C 96 -13.34 -1.25 12.80
N THR C 97 -14.13 -0.91 13.81
CA THR C 97 -15.07 -1.82 14.47
C THR C 97 -16.07 -2.46 13.51
N PHE C 98 -16.26 -3.77 13.65
CA PHE C 98 -17.25 -4.56 12.92
C PHE C 98 -18.59 -4.62 13.66
N GLY C 99 -19.68 -4.87 12.95
CA GLY C 99 -21.00 -5.09 13.54
C GLY C 99 -21.09 -6.38 14.38
N GLN C 100 -22.23 -6.58 15.05
CA GLN C 100 -22.54 -7.80 15.80
C GLN C 100 -22.87 -9.01 14.90
N GLY C 101 -23.15 -8.78 13.62
CA GLY C 101 -23.48 -9.83 12.66
C GLY C 101 -24.97 -10.14 12.54
N THR C 102 -25.37 -10.75 11.42
CA THR C 102 -26.74 -11.26 11.20
C THR C 102 -26.75 -12.59 10.46
N LYS C 103 -27.71 -13.45 10.80
CA LYS C 103 -27.83 -14.84 10.35
C LYS C 103 -28.96 -14.97 9.33
N LEU C 104 -28.71 -15.57 8.17
CA LEU C 104 -29.76 -15.92 7.20
C LEU C 104 -29.95 -17.44 7.17
N GLU C 105 -31.17 -17.92 7.40
CA GLU C 105 -31.53 -19.34 7.30
C GLU C 105 -32.28 -19.59 5.98
N ILE C 106 -31.79 -20.50 5.17
CA ILE C 106 -32.32 -20.77 3.82
C ILE C 106 -33.73 -21.38 3.92
#